data_7W6I
#
_entry.id   7W6I
#
_cell.length_a   75.777
_cell.length_b   44.422
_cell.length_c   120.097
_cell.angle_alpha   90.000
_cell.angle_beta   107.510
_cell.angle_gamma   90.000
#
_symmetry.space_group_name_H-M   'C 1 2 1'
#
loop_
_entity.id
_entity.type
_entity.pdbx_description
1 polymer 'Set1/Ash2 histone methyltransferase complex subunit ASH2'
2 polymer 'Histone-lysine N-methyltransferase 2A'
3 polymer 'Retinoblastoma-binding protein 5'
4 polymer 'Histone H3.3C'
5 non-polymer S-ADENOSYL-L-HOMOCYSTEINE
6 non-polymer 'ZINC ION'
7 water water
#
loop_
_entity_poly.entity_id
_entity_poly.type
_entity_poly.pdbx_seq_one_letter_code
_entity_poly.pdbx_strand_id
1 'polypeptide(L)'
;SRVLLALHDRAPQLKISDDRLTVVGEKGYSMVRASHGVRKGAWYFEITVDEMPPDTAARLGWSQPLGNLQAPLGYDKFSY
SWRSKKGTKFHQSIGKHYSSGYGQGDVLGFYINLPEDTISGRGSSEIIFYKNGVNQGVAYKDIFEGVYFPAISLYKSCTV
SINFGPCFKYPPKDLTYRPMSDMG
;
A
2 'polypeptide(L)'
;SDLPMPMRFRHLKKTSKEAVGVYRSPIHGRGLFCKRNIDAGEMVIEYAGIVIRSILTDKREKYYDSKGIGSSYMFRIDDS
EVVDATMHGNAARFINHSCEPNCYSRVINIDGQKHIVIFAMRKIYRGEELTYDYKFPIEDASNKLPCNCGAKKCRKFLN
;
C
3 'polypeptide(L)' SAFAPDFKELDENVEYEERESEFDIED F
4 'polypeptide(L)' ART(MLZ)QTARK B
#
# COMPACT_ATOMS: atom_id res chain seq x y z
N ARG A 2 -9.74 1.25 -16.46
CA ARG A 2 -9.45 2.58 -17.00
C ARG A 2 -8.81 3.48 -15.94
N VAL A 3 -7.69 4.11 -16.31
CA VAL A 3 -6.87 4.86 -15.37
C VAL A 3 -7.41 6.29 -15.25
N LEU A 4 -7.73 6.69 -14.03
CA LEU A 4 -8.25 7.99 -13.71
C LEU A 4 -7.53 8.66 -12.59
N LEU A 5 -7.92 9.85 -12.22
CA LEU A 5 -7.49 10.42 -10.97
C LEU A 5 -8.21 9.77 -9.87
N ALA A 6 -7.52 9.50 -8.80
CA ALA A 6 -8.02 8.61 -7.81
C ALA A 6 -9.16 9.19 -7.07
N LEU A 7 -10.06 8.35 -6.62
CA LEU A 7 -11.31 8.76 -6.01
C LEU A 7 -11.23 9.18 -4.59
N HIS A 8 -10.51 8.42 -3.81
CA HIS A 8 -10.33 8.75 -2.44
C HIS A 8 -8.94 9.18 -2.13
N ASP A 9 -7.99 8.80 -2.93
CA ASP A 9 -6.62 9.02 -2.61
C ASP A 9 -6.21 10.38 -3.13
N ARG A 10 -6.66 11.40 -2.47
CA ARG A 10 -6.57 12.75 -2.94
C ARG A 10 -6.92 13.63 -1.82
N ALA A 11 -6.30 14.79 -1.82
CA ALA A 11 -6.68 15.81 -0.91
C ALA A 11 -8.05 16.25 -1.28
N PRO A 12 -8.86 16.46 -0.28
CA PRO A 12 -10.27 16.68 -0.51
C PRO A 12 -10.62 18.06 -0.93
N GLN A 13 -9.71 18.98 -0.87
CA GLN A 13 -10.00 20.32 -1.29
C GLN A 13 -9.78 20.56 -2.74
N LEU A 14 -9.13 19.65 -3.42
CA LEU A 14 -8.97 19.75 -4.82
C LEU A 14 -10.28 19.60 -5.49
N LYS A 15 -10.52 20.45 -6.46
CA LYS A 15 -11.71 20.40 -7.24
C LYS A 15 -11.51 19.59 -8.48
N ILE A 16 -11.92 18.36 -8.42
CA ILE A 16 -11.79 17.44 -9.49
C ILE A 16 -13.09 17.30 -10.19
N SER A 17 -12.98 17.32 -11.51
CA SER A 17 -14.08 17.22 -12.45
C SER A 17 -14.60 15.79 -12.62
N ASP A 18 -15.81 15.69 -13.15
CA ASP A 18 -16.54 14.46 -13.16
C ASP A 18 -15.88 13.45 -14.04
N ASP A 19 -15.18 13.86 -15.06
CA ASP A 19 -14.38 12.96 -15.87
C ASP A 19 -13.21 12.30 -15.17
N ARG A 20 -12.71 12.92 -14.12
CA ARG A 20 -11.60 12.50 -13.29
C ARG A 20 -10.27 12.64 -13.95
N LEU A 21 -10.16 13.69 -14.73
CA LEU A 21 -9.03 14.00 -15.53
C LEU A 21 -8.65 15.45 -15.50
N THR A 22 -9.43 16.28 -14.87
CA THR A 22 -9.08 17.66 -14.68
C THR A 22 -9.15 17.98 -13.21
N VAL A 23 -8.28 18.84 -12.76
CA VAL A 23 -8.22 19.19 -11.38
C VAL A 23 -7.91 20.66 -11.18
N VAL A 24 -8.62 21.29 -10.26
CA VAL A 24 -8.30 22.64 -9.87
C VAL A 24 -7.82 22.70 -8.45
N GLY A 25 -6.87 23.56 -8.18
CA GLY A 25 -6.35 23.77 -6.87
C GLY A 25 -7.11 24.67 -5.99
N GLU A 26 -6.73 24.69 -4.75
CA GLU A 26 -7.41 25.41 -3.74
C GLU A 26 -6.46 25.68 -2.64
N LYS A 27 -6.10 26.92 -2.46
CA LYS A 27 -5.24 27.38 -1.40
C LYS A 27 -3.94 26.71 -1.46
N GLY A 28 -3.47 26.24 -0.31
CA GLY A 28 -2.15 25.67 -0.18
C GLY A 28 -1.97 24.35 -0.90
N TYR A 29 -0.77 24.12 -1.43
CA TYR A 29 -0.41 22.88 -2.03
C TYR A 29 -1.01 21.60 -1.48
N SER A 30 -1.77 20.90 -2.30
CA SER A 30 -2.39 19.63 -1.97
C SER A 30 -2.28 18.72 -3.19
N MET A 31 -2.24 17.41 -2.93
CA MET A 31 -1.91 16.43 -3.96
C MET A 31 -3.12 15.59 -4.36
N VAL A 32 -3.03 15.03 -5.56
CA VAL A 32 -3.91 13.94 -5.99
C VAL A 32 -3.07 12.97 -6.81
N ARG A 33 -3.22 11.68 -6.52
CA ARG A 33 -2.56 10.61 -7.27
C ARG A 33 -3.53 9.98 -8.26
N ALA A 34 -2.98 9.28 -9.24
CA ALA A 34 -3.78 8.50 -10.16
C ALA A 34 -4.22 7.19 -9.52
N SER A 35 -5.19 6.53 -10.16
CA SER A 35 -5.71 5.28 -9.63
C SER A 35 -4.74 4.12 -9.77
N HIS A 36 -3.80 4.18 -10.71
CA HIS A 36 -2.91 3.10 -10.97
C HIS A 36 -1.47 3.51 -10.83
N GLY A 37 -0.62 2.61 -10.39
CA GLY A 37 0.78 2.84 -10.26
C GLY A 37 1.67 1.81 -10.91
N VAL A 38 2.94 2.12 -10.96
CA VAL A 38 3.89 1.26 -11.58
C VAL A 38 5.04 0.86 -10.71
N ARG A 39 5.51 -0.35 -10.93
CA ARG A 39 6.60 -0.92 -10.18
C ARG A 39 7.75 -1.33 -10.99
N LYS A 40 7.55 -1.65 -12.23
CA LYS A 40 8.65 -1.92 -13.11
C LYS A 40 8.35 -1.52 -14.50
N GLY A 41 9.35 -1.20 -15.26
CA GLY A 41 9.17 -0.83 -16.64
C GLY A 41 9.32 0.62 -16.96
N ALA A 42 8.99 0.99 -18.18
CA ALA A 42 9.09 2.37 -18.62
C ALA A 42 7.69 2.86 -18.99
N TRP A 43 7.27 3.96 -18.35
CA TRP A 43 5.89 4.42 -18.46
C TRP A 43 5.86 5.93 -18.66
N TYR A 44 4.76 6.40 -19.23
CA TYR A 44 4.66 7.79 -19.66
C TYR A 44 3.23 8.27 -19.49
N PHE A 45 3.08 9.57 -19.23
CA PHE A 45 1.78 10.24 -19.24
C PHE A 45 2.02 11.73 -19.42
N GLU A 46 0.95 12.45 -19.72
CA GLU A 46 1.01 13.86 -20.06
C GLU A 46 0.09 14.66 -19.15
N ILE A 47 0.49 15.92 -18.92
CA ILE A 47 -0.33 16.89 -18.20
C ILE A 47 -0.33 18.19 -18.98
N THR A 48 -1.52 18.74 -19.20
CA THR A 48 -1.70 20.02 -19.86
C THR A 48 -2.11 21.06 -18.84
N VAL A 49 -1.46 22.22 -18.87
CA VAL A 49 -1.79 23.32 -17.98
C VAL A 49 -2.87 24.14 -18.67
N ASP A 50 -4.13 23.88 -18.33
CA ASP A 50 -5.23 24.58 -18.99
C ASP A 50 -5.25 26.06 -18.62
N GLU A 51 -4.99 26.38 -17.36
CA GLU A 51 -5.11 27.76 -16.90
C GLU A 51 -4.23 27.93 -15.66
N MET A 52 -3.35 28.94 -15.71
CA MET A 52 -2.45 29.25 -14.60
C MET A 52 -2.56 30.74 -14.29
N PRO A 53 -3.56 31.12 -13.49
CA PRO A 53 -3.75 32.54 -13.17
C PRO A 53 -2.57 33.10 -12.42
N PRO A 54 -2.52 34.43 -12.21
CA PRO A 54 -1.42 35.00 -11.43
C PRO A 54 -1.36 34.39 -10.03
N ASP A 55 -0.13 34.21 -9.55
CA ASP A 55 0.13 33.64 -8.23
C ASP A 55 -0.49 32.25 -8.10
N THR A 56 -0.28 31.41 -9.11
CA THR A 56 -0.63 30.01 -9.04
C THR A 56 0.54 29.19 -9.57
N ALA A 57 0.73 28.00 -9.01
CA ALA A 57 1.85 27.14 -9.39
C ALA A 57 1.39 25.69 -9.38
N ALA A 58 2.23 24.84 -9.97
CA ALA A 58 1.98 23.41 -10.04
C ALA A 58 3.28 22.65 -9.91
N ARG A 59 3.26 21.57 -9.12
CA ARG A 59 4.39 20.66 -9.02
C ARG A 59 3.89 19.26 -9.39
N LEU A 60 4.43 18.71 -10.48
CA LEU A 60 3.92 17.50 -11.10
C LEU A 60 5.03 16.47 -11.22
N GLY A 61 4.64 15.19 -11.18
CA GLY A 61 5.60 14.11 -11.20
C GLY A 61 5.06 12.81 -10.67
N TRP A 62 5.90 12.05 -9.95
CA TRP A 62 5.57 10.72 -9.47
C TRP A 62 5.62 10.67 -7.95
N SER A 63 4.77 9.83 -7.37
CA SER A 63 4.70 9.69 -5.92
C SER A 63 4.45 8.23 -5.54
N GLN A 64 5.08 7.81 -4.46
CA GLN A 64 4.71 6.57 -3.80
C GLN A 64 3.44 6.77 -3.00
N PRO A 65 2.75 5.69 -2.63
CA PRO A 65 1.48 5.85 -1.89
C PRO A 65 1.61 6.61 -0.57
N LEU A 66 2.80 6.72 0.00
CA LEU A 66 2.99 7.40 1.27
C LEU A 66 3.27 8.90 1.12
N GLY A 67 3.26 9.44 -0.09
CA GLY A 67 3.48 10.87 -0.25
C GLY A 67 2.38 11.67 0.41
N ASN A 68 2.76 12.76 1.07
CA ASN A 68 1.82 13.54 1.86
C ASN A 68 0.82 14.25 0.96
N LEU A 69 -0.47 13.99 1.19
CA LEU A 69 -1.52 14.56 0.35
C LEU A 69 -1.69 16.06 0.56
N GLN A 70 -1.43 16.56 1.77
CA GLN A 70 -1.58 17.97 2.10
C GLN A 70 -0.27 18.73 2.04
N ALA A 71 0.61 18.36 1.11
CA ALA A 71 1.92 18.97 0.95
C ALA A 71 2.27 18.94 -0.53
N PRO A 72 3.18 19.80 -0.98
CA PRO A 72 3.57 19.77 -2.39
C PRO A 72 4.20 18.44 -2.76
N LEU A 73 4.02 18.05 -4.02
CA LEU A 73 4.75 16.90 -4.53
C LEU A 73 6.25 17.15 -4.41
N GLY A 74 6.98 16.12 -4.00
CA GLY A 74 8.40 16.28 -3.73
C GLY A 74 8.73 16.76 -2.33
N TYR A 75 7.72 16.89 -1.46
CA TYR A 75 7.95 17.39 -0.10
C TYR A 75 8.74 16.41 0.74
N ASP A 76 8.49 15.12 0.57
CA ASP A 76 9.10 14.06 1.37
C ASP A 76 9.92 13.14 0.46
N LYS A 77 10.36 12.02 1.02
CA LYS A 77 11.15 11.05 0.28
C LYS A 77 10.33 10.21 -0.70
N PHE A 78 9.01 10.37 -0.71
CA PHE A 78 8.13 9.51 -1.49
C PHE A 78 7.78 10.07 -2.87
N SER A 79 8.30 11.24 -3.24
CA SER A 79 7.84 11.85 -4.48
C SER A 79 8.90 12.76 -5.06
N TYR A 80 8.89 12.87 -6.39
CA TYR A 80 9.79 13.74 -7.14
C TYR A 80 8.93 14.60 -8.07
N SER A 81 9.16 15.91 -8.06
CA SER A 81 8.26 16.84 -8.71
C SER A 81 9.00 17.83 -9.58
N TRP A 82 8.24 18.48 -10.47
CA TRP A 82 8.73 19.49 -11.38
C TRP A 82 7.84 20.72 -11.26
N ARG A 83 8.41 21.84 -10.84
CA ARG A 83 7.64 23.03 -10.51
C ARG A 83 7.48 23.93 -11.72
N SER A 84 6.24 24.41 -11.93
CA SER A 84 5.99 25.34 -13.02
C SER A 84 6.83 26.60 -12.89
N LYS A 85 6.92 27.14 -11.68
CA LYS A 85 7.75 28.30 -11.42
C LYS A 85 9.22 27.91 -11.52
N LYS A 86 9.93 28.49 -12.50
CA LYS A 86 11.37 28.39 -12.69
C LYS A 86 11.85 27.00 -13.12
N GLY A 87 10.95 26.03 -13.31
CA GLY A 87 11.38 24.71 -13.74
C GLY A 87 12.15 23.94 -12.69
N THR A 88 12.07 24.35 -11.43
CA THR A 88 12.79 23.68 -10.35
C THR A 88 12.28 22.26 -10.17
N LYS A 89 13.17 21.38 -9.72
CA LYS A 89 12.81 20.01 -9.35
C LYS A 89 12.91 19.85 -7.85
N PHE A 90 11.89 19.23 -7.24
CA PHE A 90 11.79 19.13 -5.78
C PHE A 90 11.74 17.67 -5.37
N HIS A 91 12.62 17.29 -4.44
CA HIS A 91 12.57 15.98 -3.80
C HIS A 91 13.01 16.16 -2.36
N GLN A 92 12.21 15.65 -1.42
CA GLN A 92 12.45 15.85 0.02
C GLN A 92 12.58 17.32 0.36
N SER A 93 11.73 18.14 -0.26
CA SER A 93 11.61 19.58 -0.04
C SER A 93 12.85 20.37 -0.45
N ILE A 94 13.84 19.73 -1.09
CA ILE A 94 15.00 20.43 -1.63
C ILE A 94 14.76 20.65 -3.10
N GLY A 95 14.83 21.93 -3.53
CA GLY A 95 14.67 22.29 -4.93
C GLY A 95 16.01 22.63 -5.54
N LYS A 96 16.27 22.06 -6.71
CA LYS A 96 17.53 22.26 -7.40
C LYS A 96 17.27 22.67 -8.85
N HIS A 97 18.28 23.27 -9.45
CA HIS A 97 18.18 23.72 -10.84
C HIS A 97 17.92 22.53 -11.75
N TYR A 98 16.80 22.57 -12.47
CA TYR A 98 16.51 21.54 -13.46
C TYR A 98 16.38 22.11 -14.87
N SER A 99 15.48 23.07 -15.10
CA SER A 99 15.16 23.51 -16.45
C SER A 99 14.49 24.87 -16.37
N SER A 100 13.93 25.31 -17.49
CA SER A 100 13.11 26.51 -17.53
C SER A 100 11.68 26.17 -17.10
N GLY A 101 10.96 27.19 -16.62
CA GLY A 101 9.62 26.99 -16.15
C GLY A 101 8.63 26.68 -17.26
N TYR A 102 7.45 26.23 -16.86
CA TYR A 102 6.34 25.99 -17.78
C TYR A 102 5.09 26.69 -17.28
N GLY A 103 4.20 27.01 -18.21
CA GLY A 103 3.03 27.79 -17.89
C GLY A 103 1.76 27.39 -18.63
N GLN A 104 0.82 28.31 -18.75
CA GLN A 104 -0.47 28.01 -19.31
C GLN A 104 -0.36 27.59 -20.77
N GLY A 105 -1.03 26.49 -21.11
CA GLY A 105 -0.98 25.94 -22.44
C GLY A 105 0.07 24.88 -22.67
N ASP A 106 1.11 24.85 -21.84
CA ASP A 106 2.16 23.86 -21.99
C ASP A 106 1.63 22.46 -21.74
N VAL A 107 2.11 21.50 -22.54
CA VAL A 107 1.80 20.09 -22.37
C VAL A 107 3.06 19.41 -21.87
N LEU A 108 2.99 18.87 -20.67
CA LEU A 108 4.19 18.41 -19.97
C LEU A 108 4.23 16.88 -20.01
N GLY A 109 5.43 16.33 -20.12
CA GLY A 109 5.61 14.90 -20.23
C GLY A 109 6.37 14.33 -19.05
N PHE A 110 5.98 13.12 -18.63
CA PHE A 110 6.51 12.50 -17.41
C PHE A 110 6.88 11.06 -17.69
N TYR A 111 8.18 10.77 -17.70
CA TYR A 111 8.72 9.44 -18.00
C TYR A 111 9.38 8.86 -16.76
N ILE A 112 9.09 7.59 -16.47
CA ILE A 112 9.73 6.87 -15.39
C ILE A 112 10.21 5.53 -15.93
N ASN A 113 11.35 5.06 -15.42
CA ASN A 113 11.89 3.76 -15.78
C ASN A 113 12.31 3.04 -14.51
N LEU A 114 11.80 1.82 -14.32
CA LEU A 114 12.07 1.02 -13.13
C LEU A 114 12.44 -0.39 -13.58
N PRO A 115 13.69 -0.60 -13.98
CA PRO A 115 14.08 -1.94 -14.49
C PRO A 115 14.05 -2.99 -13.40
N GLU A 116 13.79 -4.23 -13.82
CA GLU A 116 13.79 -5.37 -12.90
C GLU A 116 15.18 -5.60 -12.32
N SER A 124 19.94 2.52 -12.30
CA SER A 124 19.49 2.58 -13.69
C SER A 124 18.04 3.07 -13.79
N SER A 125 17.41 3.32 -12.65
CA SER A 125 16.08 3.94 -12.64
C SER A 125 16.21 5.44 -12.90
N GLU A 126 15.22 5.99 -13.60
CA GLU A 126 15.32 7.36 -14.10
C GLU A 126 13.96 8.05 -14.05
N ILE A 127 14.02 9.37 -13.84
CA ILE A 127 12.89 10.28 -14.03
C ILE A 127 13.30 11.31 -15.06
N ILE A 128 12.51 11.46 -16.12
CA ILE A 128 12.77 12.43 -17.17
C ILE A 128 11.49 13.21 -17.44
N PHE A 129 11.60 14.54 -17.46
CA PHE A 129 10.47 15.42 -17.73
C PHE A 129 10.55 15.97 -19.15
N TYR A 130 9.39 16.20 -19.75
CA TYR A 130 9.32 16.69 -21.11
C TYR A 130 8.47 17.96 -21.16
N LYS A 131 8.86 18.88 -22.04
CA LYS A 131 8.16 20.15 -22.25
C LYS A 131 7.75 20.22 -23.71
N ASN A 132 6.47 19.97 -23.99
CA ASN A 132 5.94 19.96 -25.34
C ASN A 132 6.73 18.99 -26.24
N GLY A 133 7.05 17.82 -25.68
CA GLY A 133 7.73 16.78 -26.41
C GLY A 133 9.24 16.78 -26.33
N VAL A 134 9.85 17.85 -25.81
CA VAL A 134 11.30 17.98 -25.79
C VAL A 134 11.84 17.48 -24.45
N ASN A 135 12.83 16.60 -24.51
CA ASN A 135 13.51 16.13 -23.31
C ASN A 135 14.13 17.30 -22.56
N GLN A 136 13.81 17.40 -21.27
CA GLN A 136 14.35 18.45 -20.42
C GLN A 136 15.54 17.99 -19.60
N GLY A 137 16.04 16.79 -19.86
CA GLY A 137 17.14 16.22 -19.12
C GLY A 137 16.66 15.25 -18.05
N VAL A 138 17.58 14.40 -17.61
CA VAL A 138 17.27 13.50 -16.50
C VAL A 138 17.18 14.32 -15.21
N ALA A 139 16.10 14.13 -14.47
CA ALA A 139 15.91 14.83 -13.22
C ALA A 139 16.39 14.04 -12.00
N TYR A 140 16.06 12.75 -11.93
CA TYR A 140 16.47 11.92 -10.80
C TYR A 140 16.95 10.57 -11.28
N LYS A 141 18.03 10.09 -10.67
CA LYS A 141 18.71 8.85 -11.02
C LYS A 141 18.79 7.95 -9.79
N ASP A 142 18.53 6.67 -9.98
CA ASP A 142 18.56 5.67 -8.91
C ASP A 142 17.63 6.07 -7.77
N ILE A 143 16.34 6.16 -8.13
CA ILE A 143 15.31 6.62 -7.21
C ILE A 143 14.90 5.49 -6.27
N PHE A 144 14.12 5.83 -5.25
CA PHE A 144 13.69 4.86 -4.26
C PHE A 144 12.89 3.73 -4.90
N GLU A 145 12.92 2.57 -4.27
CA GLU A 145 12.24 1.38 -4.75
C GLU A 145 10.81 1.35 -4.21
N GLY A 146 9.85 1.19 -5.09
CA GLY A 146 8.49 1.19 -4.71
C GLY A 146 7.53 1.31 -5.83
N VAL A 147 6.26 1.45 -5.52
CA VAL A 147 5.22 1.71 -6.51
C VAL A 147 5.13 3.21 -6.72
N TYR A 148 5.14 3.64 -7.98
CA TYR A 148 5.06 5.06 -8.31
C TYR A 148 3.79 5.33 -9.09
N PHE A 149 3.05 6.36 -8.66
CA PHE A 149 1.80 6.82 -9.23
C PHE A 149 1.99 8.17 -9.91
N PRO A 150 1.31 8.42 -11.03
CA PRO A 150 1.20 9.80 -11.52
C PRO A 150 0.53 10.66 -10.45
N ALA A 151 1.04 11.88 -10.28
CA ALA A 151 0.61 12.71 -9.18
C ALA A 151 0.58 14.18 -9.60
N ILE A 152 -0.34 14.94 -9.07
CA ILE A 152 -0.49 16.35 -9.35
C ILE A 152 -0.58 17.09 -8.03
N SER A 153 0.20 18.12 -7.83
CA SER A 153 -0.07 19.09 -6.80
C SER A 153 -0.14 20.48 -7.30
N LEU A 154 -1.08 21.20 -6.76
CA LEU A 154 -1.39 22.54 -7.19
C LEU A 154 -1.44 23.50 -6.04
N TYR A 155 -0.98 24.71 -6.27
CA TYR A 155 -0.99 25.73 -5.29
C TYR A 155 -1.82 26.82 -5.82
N LYS A 156 -3.00 26.94 -5.24
CA LYS A 156 -4.17 27.70 -5.67
C LYS A 156 -4.84 27.26 -6.90
N SER A 157 -5.76 28.06 -7.31
CA SER A 157 -6.72 27.66 -8.27
C SER A 157 -6.27 27.82 -9.71
N CYS A 158 -5.18 27.13 -10.02
CA CYS A 158 -4.85 26.63 -11.35
C CYS A 158 -5.66 25.41 -11.78
N THR A 159 -5.77 25.22 -13.10
CA THR A 159 -6.34 24.05 -13.70
C THR A 159 -5.37 23.31 -14.59
N VAL A 160 -5.26 22.02 -14.37
CA VAL A 160 -4.49 21.14 -15.23
C VAL A 160 -5.35 19.94 -15.58
N SER A 161 -4.95 19.27 -16.67
CA SER A 161 -5.65 18.08 -17.16
C SER A 161 -4.62 17.00 -17.46
N ILE A 162 -4.89 15.78 -17.00
CA ILE A 162 -3.95 14.68 -17.12
C ILE A 162 -4.40 13.77 -18.26
N ASN A 163 -3.42 13.21 -18.98
CA ASN A 163 -3.66 12.31 -20.10
C ASN A 163 -2.75 11.10 -19.90
N PHE A 164 -3.34 9.95 -19.61
CA PHE A 164 -2.60 8.71 -19.38
C PHE A 164 -2.31 7.93 -20.65
N GLY A 165 -2.79 8.40 -21.80
CA GLY A 165 -2.70 7.64 -23.02
C GLY A 165 -4.06 7.13 -23.43
N PRO A 166 -4.13 6.24 -24.44
CA PRO A 166 -3.04 5.62 -25.20
C PRO A 166 -2.28 6.58 -26.13
N CYS A 167 -2.94 7.64 -26.59
CA CYS A 167 -2.35 8.59 -27.52
C CYS A 167 -1.99 9.88 -26.79
N PHE A 168 -0.76 10.33 -26.99
CA PHE A 168 -0.25 11.55 -26.37
C PHE A 168 -0.14 12.67 -27.39
N LYS A 169 -0.20 13.90 -26.90
CA LYS A 169 -0.13 15.07 -27.78
C LYS A 169 1.25 15.21 -28.39
N TYR A 170 2.31 15.03 -27.59
CA TYR A 170 3.69 15.18 -28.06
C TYR A 170 4.49 13.94 -27.68
N PRO A 171 4.34 12.85 -28.42
CA PRO A 171 5.09 11.63 -28.11
C PRO A 171 6.58 11.86 -28.26
N PRO A 172 7.34 11.58 -27.25
CA PRO A 172 8.75 11.88 -27.31
C PRO A 172 9.45 11.07 -28.36
N LYS A 173 10.46 11.64 -28.94
CA LYS A 173 11.22 10.95 -29.95
C LYS A 173 12.32 10.08 -29.37
N ASP A 174 12.48 8.94 -29.98
CA ASP A 174 13.29 7.87 -29.51
C ASP A 174 13.33 7.62 -28.00
N LEU A 175 12.18 7.24 -27.51
CA LEU A 175 12.03 6.81 -26.16
C LEU A 175 11.03 5.72 -26.16
N THR A 176 11.33 4.69 -25.45
CA THR A 176 10.52 3.52 -25.41
C THR A 176 9.76 3.50 -24.14
N TYR A 177 8.48 3.30 -24.23
CA TYR A 177 7.62 3.38 -23.06
C TYR A 177 6.29 2.70 -23.37
N ARG A 178 5.47 2.57 -22.32
CA ARG A 178 4.09 2.20 -22.46
C ARG A 178 3.21 3.27 -21.82
N PRO A 179 2.10 3.62 -22.45
CA PRO A 179 1.20 4.61 -21.82
C PRO A 179 0.61 4.07 -20.54
N MET A 180 0.42 4.96 -19.55
CA MET A 180 -0.15 4.53 -18.28
C MET A 180 -1.51 3.90 -18.46
N SER A 181 -2.23 4.25 -19.53
CA SER A 181 -3.52 3.65 -19.80
C SER A 181 -3.44 2.13 -19.93
N ASP A 182 -2.28 1.59 -20.24
CA ASP A 182 -2.09 0.14 -20.27
C ASP A 182 -2.37 -0.50 -18.91
N MET A 183 -2.27 0.26 -17.82
CA MET A 183 -2.50 -0.28 -16.48
C MET A 183 -3.96 -0.65 -16.26
N GLY A 184 -4.89 0.11 -16.84
CA GLY A 184 -6.31 -0.10 -16.61
C GLY A 184 -6.80 -1.47 -17.06
N SER B 1 -32.42 -13.95 6.70
CA SER B 1 -31.27 -14.71 6.28
C SER B 1 -29.94 -14.06 6.73
N ASP B 2 -28.84 -14.55 6.20
CA ASP B 2 -27.54 -14.02 6.53
C ASP B 2 -27.11 -12.91 5.59
N LEU B 3 -26.14 -12.13 6.05
CA LEU B 3 -25.63 -11.04 5.28
C LEU B 3 -24.68 -11.60 4.28
N PRO B 4 -24.73 -11.08 3.08
CA PRO B 4 -23.73 -11.42 2.11
C PRO B 4 -22.33 -11.09 2.57
N MET B 5 -21.53 -12.11 2.52
CA MET B 5 -20.17 -12.07 3.05
C MET B 5 -19.39 -10.82 2.64
N PRO B 6 -19.59 -10.30 1.47
CA PRO B 6 -18.79 -9.15 1.18
C PRO B 6 -19.29 -7.92 1.88
N MET B 7 -20.43 -7.97 2.53
CA MET B 7 -20.89 -6.81 3.25
C MET B 7 -20.44 -6.86 4.65
N ARG B 8 -20.51 -8.02 5.23
CA ARG B 8 -19.86 -8.28 6.48
C ARG B 8 -18.43 -7.80 6.50
N PHE B 9 -17.75 -7.97 5.40
CA PHE B 9 -16.37 -7.71 5.34
C PHE B 9 -16.04 -6.23 5.25
N ARG B 10 -16.79 -5.47 4.49
CA ARG B 10 -16.65 -4.04 4.49
C ARG B 10 -16.97 -3.38 5.79
N HIS B 11 -17.93 -3.92 6.49
CA HIS B 11 -18.27 -3.46 7.78
C HIS B 11 -17.11 -3.72 8.73
N LEU B 12 -16.51 -4.88 8.63
CA LEU B 12 -15.30 -5.19 9.35
C LEU B 12 -14.25 -4.13 9.13
N LYS B 13 -14.01 -3.78 7.91
CA LYS B 13 -12.91 -2.86 7.64
C LYS B 13 -13.14 -1.52 8.30
N LYS B 14 -14.39 -1.10 8.32
CA LYS B 14 -14.74 0.23 8.76
C LYS B 14 -14.71 0.35 10.23
N THR B 15 -15.01 -0.73 10.92
CA THR B 15 -15.14 -0.73 12.35
C THR B 15 -14.03 -1.34 13.16
N SER B 16 -13.10 -2.03 12.56
CA SER B 16 -12.14 -2.74 13.35
C SER B 16 -11.11 -1.86 13.95
N LYS B 17 -10.81 -0.73 13.34
CA LYS B 17 -9.95 0.28 13.98
C LYS B 17 -10.45 0.81 15.33
N GLU B 18 -11.75 0.76 15.53
CA GLU B 18 -12.37 1.30 16.69
C GLU B 18 -12.66 0.29 17.77
N ALA B 19 -12.53 -0.98 17.46
CA ALA B 19 -12.85 -2.01 18.39
C ALA B 19 -11.68 -2.64 19.02
N VAL B 20 -10.53 -2.47 18.44
CA VAL B 20 -9.35 -3.16 18.88
C VAL B 20 -8.24 -2.19 19.07
N GLY B 21 -7.36 -2.52 19.96
CA GLY B 21 -6.19 -1.73 20.17
C GLY B 21 -5.01 -2.53 20.56
N VAL B 22 -3.85 -1.99 20.28
CA VAL B 22 -2.58 -2.67 20.53
C VAL B 22 -2.01 -2.13 21.84
N TYR B 23 -1.76 -3.03 22.78
CA TYR B 23 -1.16 -2.69 24.06
C TYR B 23 -0.16 -3.78 24.43
N ARG B 24 0.49 -3.61 25.58
CA ARG B 24 1.36 -4.64 26.10
C ARG B 24 0.52 -5.77 26.71
N SER B 25 1.02 -7.01 26.58
CA SER B 25 0.26 -8.14 27.06
C SER B 25 0.98 -8.86 28.20
N PRO B 26 0.23 -9.40 29.15
CA PRO B 26 0.85 -10.33 30.11
C PRO B 26 1.24 -11.64 29.47
N ILE B 27 0.68 -11.97 28.31
CA ILE B 27 1.04 -13.21 27.63
C ILE B 27 2.46 -13.12 27.08
N HIS B 28 2.70 -12.15 26.18
CA HIS B 28 4.03 -11.89 25.65
C HIS B 28 4.06 -10.55 24.93
N GLY B 29 5.04 -9.71 25.26
CA GLY B 29 5.29 -8.48 24.54
C GLY B 29 4.06 -7.62 24.32
N ARG B 30 3.64 -7.51 23.07
CA ARG B 30 2.45 -6.75 22.70
C ARG B 30 1.38 -7.69 22.17
N GLY B 31 0.13 -7.22 22.24
CA GLY B 31 -1.00 -8.00 21.78
C GLY B 31 -2.13 -7.09 21.34
N LEU B 32 -3.23 -7.71 20.93
CA LEU B 32 -4.43 -7.01 20.49
C LEU B 32 -5.50 -7.13 21.56
N PHE B 33 -6.06 -6.01 21.97
CA PHE B 33 -7.00 -5.96 23.08
C PHE B 33 -8.36 -5.45 22.62
N CYS B 34 -9.42 -6.05 23.16
CA CYS B 34 -10.77 -5.65 22.81
C CYS B 34 -11.13 -4.32 23.46
N LYS B 35 -11.62 -3.39 22.65
CA LYS B 35 -11.97 -2.06 23.15
C LYS B 35 -13.47 -1.85 23.32
N ARG B 36 -14.31 -2.67 22.70
CA ARG B 36 -15.75 -2.64 22.91
C ARG B 36 -16.29 -4.04 22.70
N ASN B 37 -17.31 -4.39 23.46
CA ASN B 37 -17.80 -5.76 23.49
C ASN B 37 -18.15 -6.25 22.10
N ILE B 38 -17.61 -7.40 21.72
CA ILE B 38 -17.83 -8.02 20.43
C ILE B 38 -18.69 -9.26 20.64
N ASP B 39 -19.78 -9.36 19.87
CA ASP B 39 -20.66 -10.51 20.02
C ASP B 39 -20.06 -11.74 19.33
N ALA B 40 -20.53 -12.90 19.76
CA ALA B 40 -20.00 -14.16 19.25
C ALA B 40 -20.26 -14.30 17.75
N GLY B 41 -19.25 -14.78 17.02
CA GLY B 41 -19.37 -14.98 15.60
C GLY B 41 -19.14 -13.74 14.76
N GLU B 42 -18.93 -12.59 15.36
CA GLU B 42 -18.67 -11.37 14.62
C GLU B 42 -17.21 -11.31 14.18
N MET B 43 -17.00 -10.69 13.01
CA MET B 43 -15.64 -10.47 12.54
C MET B 43 -14.93 -9.47 13.44
N VAL B 44 -13.68 -9.79 13.79
CA VAL B 44 -12.90 -8.94 14.68
C VAL B 44 -11.89 -8.15 13.87
N ILE B 45 -11.04 -8.84 13.10
CA ILE B 45 -10.03 -8.19 12.28
C ILE B 45 -9.55 -9.18 11.23
N GLU B 46 -9.16 -8.66 10.07
CA GLU B 46 -8.55 -9.46 9.03
C GLU B 46 -7.05 -9.57 9.27
N TYR B 47 -6.49 -10.73 8.95
CA TYR B 47 -5.03 -10.93 8.99
C TYR B 47 -4.47 -10.41 7.67
N ALA B 48 -4.30 -9.10 7.61
CA ALA B 48 -3.86 -8.43 6.39
C ALA B 48 -2.38 -8.66 6.15
N GLY B 49 -1.99 -8.60 4.87
CA GLY B 49 -0.61 -8.80 4.49
C GLY B 49 -0.47 -8.93 2.99
N ILE B 50 0.67 -9.46 2.57
CA ILE B 50 0.95 -9.72 1.16
C ILE B 50 0.62 -11.18 0.86
N VAL B 51 -0.22 -11.40 -0.14
CA VAL B 51 -0.63 -12.75 -0.53
C VAL B 51 0.39 -13.29 -1.53
N ILE B 52 1.05 -14.38 -1.16
CA ILE B 52 2.06 -15.01 -1.99
C ILE B 52 1.67 -16.46 -2.23
N ARG B 53 2.21 -17.02 -3.30
CA ARG B 53 2.05 -18.45 -3.56
C ARG B 53 2.79 -19.25 -2.49
N SER B 54 2.29 -20.46 -2.23
CA SER B 54 2.85 -21.29 -1.17
C SER B 54 4.32 -21.63 -1.43
N ILE B 55 4.73 -21.71 -2.70
CA ILE B 55 6.11 -22.05 -3.02
C ILE B 55 7.10 -20.96 -2.64
N LEU B 56 6.64 -19.76 -2.31
CA LEU B 56 7.53 -18.66 -1.97
C LEU B 56 7.77 -18.51 -0.47
N THR B 57 7.18 -19.38 0.37
CA THR B 57 7.35 -19.22 1.82
C THR B 57 8.78 -19.52 2.24
N ASP B 58 9.33 -20.65 1.77
CA ASP B 58 10.63 -21.10 2.25
C ASP B 58 11.75 -20.15 1.83
N LYS B 59 11.66 -19.54 0.65
CA LYS B 59 12.64 -18.53 0.28
C LYS B 59 12.54 -17.31 1.20
N ARG B 60 11.32 -16.87 1.49
CA ARG B 60 11.14 -15.66 2.31
C ARG B 60 11.55 -15.89 3.75
N GLU B 61 11.29 -17.09 4.28
CA GLU B 61 11.69 -17.37 5.66
C GLU B 61 13.21 -17.27 5.81
N LYS B 62 13.95 -17.83 4.86
CA LYS B 62 15.42 -17.79 4.95
C LYS B 62 15.95 -16.36 4.91
N TYR B 63 15.45 -15.54 3.98
CA TYR B 63 15.80 -14.12 3.99
C TYR B 63 15.25 -13.38 5.20
N TYR B 64 14.18 -13.86 5.81
CA TYR B 64 13.84 -13.28 7.10
C TYR B 64 14.85 -13.63 8.18
N ASP B 65 15.50 -14.83 8.17
CA ASP B 65 16.49 -14.95 9.21
C ASP B 65 17.79 -14.26 8.80
N SER B 66 17.95 -13.86 7.53
CA SER B 66 19.15 -13.07 7.22
C SER B 66 19.05 -11.68 7.82
N LYS B 67 17.83 -11.22 8.06
CA LYS B 67 17.55 -9.96 8.75
C LYS B 67 17.36 -10.14 10.24
N GLY B 68 17.41 -11.37 10.73
CA GLY B 68 17.36 -11.62 12.15
C GLY B 68 16.01 -11.45 12.80
N ILE B 69 14.93 -11.44 12.02
CA ILE B 69 13.60 -11.33 12.61
C ILE B 69 13.31 -12.60 13.40
N GLY B 70 12.78 -12.44 14.61
CA GLY B 70 12.59 -13.56 15.50
C GLY B 70 11.33 -14.36 15.21
N SER B 71 10.20 -13.67 15.11
CA SER B 71 8.92 -14.32 14.92
C SER B 71 8.55 -14.36 13.43
N SER B 72 7.63 -15.26 13.11
CA SER B 72 7.13 -15.42 11.74
C SER B 72 5.70 -14.91 11.68
N TYR B 73 5.41 -14.08 10.68
CA TYR B 73 4.09 -13.49 10.50
C TYR B 73 3.37 -14.06 9.28
N MET B 74 3.85 -15.19 8.75
CA MET B 74 3.22 -15.84 7.61
C MET B 74 2.10 -16.75 8.11
N PHE B 75 0.93 -16.62 7.50
CA PHE B 75 -0.29 -17.27 7.98
C PHE B 75 -0.98 -17.90 6.79
N ARG B 76 -1.13 -19.23 6.81
CA ARG B 76 -1.48 -19.98 5.62
C ARG B 76 -2.97 -19.92 5.33
N ILE B 77 -3.32 -19.60 4.09
CA ILE B 77 -4.71 -19.65 3.65
C ILE B 77 -5.11 -21.07 3.31
N ASP B 78 -4.45 -21.67 2.34
CA ASP B 78 -4.71 -23.05 1.94
C ASP B 78 -3.40 -23.65 1.44
N ASP B 79 -3.50 -24.76 0.70
CA ASP B 79 -2.30 -25.45 0.22
C ASP B 79 -1.49 -24.59 -0.75
N SER B 80 -2.08 -23.57 -1.36
CA SER B 80 -1.42 -22.85 -2.43
C SER B 80 -1.19 -21.36 -2.16
N GLU B 81 -1.64 -20.83 -1.03
CA GLU B 81 -1.50 -19.40 -0.74
C GLU B 81 -1.20 -19.18 0.74
N VAL B 82 -0.38 -18.15 1.00
CA VAL B 82 0.01 -17.77 2.35
C VAL B 82 0.01 -16.24 2.44
N VAL B 83 -0.49 -15.71 3.55
CA VAL B 83 -0.46 -14.28 3.82
C VAL B 83 0.83 -13.96 4.57
N ASP B 84 1.66 -13.08 3.99
CA ASP B 84 2.94 -12.69 4.58
C ASP B 84 2.78 -11.30 5.15
N ALA B 85 2.69 -11.20 6.48
CA ALA B 85 2.52 -9.94 7.17
C ALA B 85 3.81 -9.44 7.81
N THR B 86 4.96 -10.03 7.46
CA THR B 86 6.22 -9.68 8.12
C THR B 86 6.57 -8.21 7.92
N MET B 87 6.51 -7.73 6.67
CA MET B 87 6.83 -6.34 6.37
C MET B 87 5.59 -5.50 6.07
N HIS B 88 4.47 -6.11 5.73
CA HIS B 88 3.25 -5.39 5.38
C HIS B 88 2.08 -6.07 6.05
N GLY B 89 1.39 -5.36 6.93
CA GLY B 89 0.27 -5.96 7.64
C GLY B 89 -0.48 -4.93 8.47
N ASN B 90 -1.38 -5.43 9.30
CA ASN B 90 -2.18 -4.59 10.18
C ASN B 90 -2.05 -5.03 11.64
N ALA B 91 -2.95 -4.54 12.49
CA ALA B 91 -2.86 -4.81 13.92
C ALA B 91 -2.98 -6.31 14.24
N ALA B 92 -3.50 -7.12 13.31
CA ALA B 92 -3.65 -8.54 13.58
C ALA B 92 -2.32 -9.27 13.76
N ARG B 93 -1.19 -8.64 13.40
CA ARG B 93 0.11 -9.23 13.65
C ARG B 93 0.33 -9.51 15.13
N PHE B 94 -0.32 -8.76 16.01
CA PHE B 94 -0.05 -8.82 17.44
C PHE B 94 -0.95 -9.79 18.19
N ILE B 95 -1.89 -10.45 17.52
CA ILE B 95 -2.80 -11.36 18.23
C ILE B 95 -1.99 -12.55 18.71
N ASN B 96 -1.84 -12.65 20.03
CA ASN B 96 -1.06 -13.72 20.65
C ASN B 96 -1.84 -15.04 20.62
N HIS B 97 -1.14 -16.12 20.91
CA HIS B 97 -1.71 -17.45 20.92
C HIS B 97 -2.28 -17.79 22.30
N SER B 98 -3.31 -18.63 22.31
CA SER B 98 -3.84 -19.17 23.55
C SER B 98 -4.33 -20.58 23.32
N CYS B 99 -4.40 -21.35 24.41
CA CYS B 99 -5.02 -22.67 24.39
C CYS B 99 -6.47 -22.63 24.87
N GLU B 100 -6.92 -21.52 25.43
CA GLU B 100 -8.34 -21.22 25.63
C GLU B 100 -8.68 -19.95 24.85
N PRO B 101 -8.58 -19.98 23.53
CA PRO B 101 -8.76 -18.75 22.76
C PRO B 101 -10.19 -18.25 22.80
N ASN B 102 -10.33 -16.93 22.69
CA ASN B 102 -11.63 -16.31 22.50
C ASN B 102 -11.92 -16.01 21.03
N CYS B 103 -10.99 -16.33 20.13
CA CYS B 103 -11.17 -16.09 18.70
C CYS B 103 -10.67 -17.28 17.91
N TYR B 104 -11.19 -17.41 16.69
CA TYR B 104 -10.74 -18.43 15.75
C TYR B 104 -10.58 -17.80 14.38
N SER B 105 -9.72 -18.40 13.56
CA SER B 105 -9.48 -17.93 12.21
C SER B 105 -10.18 -18.83 11.20
N ARG B 106 -10.63 -18.23 10.11
CA ARG B 106 -11.21 -18.99 9.01
C ARG B 106 -11.02 -18.21 7.71
N VAL B 107 -10.99 -18.93 6.61
CA VAL B 107 -10.72 -18.37 5.30
C VAL B 107 -12.04 -18.04 4.61
N ILE B 108 -12.10 -16.87 3.98
CA ILE B 108 -13.32 -16.44 3.29
C ILE B 108 -13.00 -16.01 1.87
N ASN B 109 -14.04 -16.08 1.06
CA ASN B 109 -13.99 -15.90 -0.38
C ASN B 109 -14.76 -14.64 -0.76
N ILE B 110 -14.03 -13.63 -1.23
CA ILE B 110 -14.62 -12.33 -1.59
C ILE B 110 -14.09 -11.95 -2.97
N ASP B 111 -14.93 -12.10 -3.99
CA ASP B 111 -14.59 -11.67 -5.36
C ASP B 111 -13.42 -12.47 -5.91
N GLY B 112 -13.44 -13.78 -5.69
CA GLY B 112 -12.40 -14.65 -6.21
C GLY B 112 -11.16 -14.73 -5.33
N GLN B 113 -10.85 -13.65 -4.63
CA GLN B 113 -9.69 -13.61 -3.75
C GLN B 113 -10.10 -14.04 -2.35
N LYS B 114 -9.12 -14.55 -1.59
CA LYS B 114 -9.37 -15.15 -0.29
C LYS B 114 -8.71 -14.33 0.81
N HIS B 115 -9.40 -14.24 1.95
CA HIS B 115 -8.92 -13.49 3.10
C HIS B 115 -8.98 -14.35 4.35
N ILE B 116 -8.06 -14.10 5.28
CA ILE B 116 -8.06 -14.74 6.58
C ILE B 116 -8.66 -13.77 7.58
N VAL B 117 -9.74 -14.18 8.23
CA VAL B 117 -10.53 -13.28 9.06
C VAL B 117 -10.67 -13.89 10.45
N ILE B 118 -10.46 -13.07 11.48
CA ILE B 118 -10.51 -13.53 12.86
C ILE B 118 -11.92 -13.29 13.41
N PHE B 119 -12.56 -14.35 13.87
CA PHE B 119 -13.96 -14.30 14.32
C PHE B 119 -14.04 -14.47 15.83
N ALA B 120 -14.98 -13.77 16.44
CA ALA B 120 -15.21 -13.85 17.88
C ALA B 120 -15.83 -15.20 18.23
N MET B 121 -15.03 -16.07 18.84
CA MET B 121 -15.50 -17.41 19.21
C MET B 121 -16.61 -17.34 20.24
N ARG B 122 -16.59 -16.33 21.10
CA ARG B 122 -17.60 -16.12 22.12
C ARG B 122 -17.91 -14.62 22.17
N LYS B 123 -18.81 -14.23 23.07
CA LYS B 123 -18.96 -12.82 23.36
C LYS B 123 -17.74 -12.34 24.13
N ILE B 124 -17.00 -11.41 23.54
CA ILE B 124 -15.78 -10.88 24.12
C ILE B 124 -16.08 -9.50 24.69
N TYR B 125 -15.66 -9.26 25.93
CA TYR B 125 -15.91 -8.01 26.62
C TYR B 125 -14.68 -7.09 26.54
N ARG B 126 -14.92 -5.79 26.74
CA ARG B 126 -13.83 -4.82 26.66
C ARG B 126 -12.78 -5.09 27.71
N GLY B 127 -11.52 -4.82 27.34
CA GLY B 127 -10.38 -5.03 28.22
C GLY B 127 -9.73 -6.38 28.04
N GLU B 128 -10.45 -7.35 27.50
CA GLU B 128 -9.87 -8.64 27.21
C GLU B 128 -8.83 -8.52 26.12
N GLU B 129 -7.86 -9.42 26.14
CA GLU B 129 -6.89 -9.55 25.06
C GLU B 129 -7.40 -10.61 24.09
N LEU B 130 -7.32 -10.29 22.81
CA LEU B 130 -7.82 -11.17 21.76
C LEU B 130 -6.77 -12.22 21.45
N THR B 131 -7.19 -13.49 21.40
CA THR B 131 -6.26 -14.57 21.10
C THR B 131 -6.91 -15.60 20.20
N TYR B 132 -6.07 -16.33 19.46
CA TYR B 132 -6.52 -17.51 18.74
C TYR B 132 -5.42 -18.57 18.78
N ASP B 133 -5.83 -19.82 18.56
CA ASP B 133 -4.88 -20.93 18.45
C ASP B 133 -4.11 -20.76 17.14
N TYR B 134 -2.80 -20.50 17.26
CA TYR B 134 -1.96 -20.39 16.06
C TYR B 134 -1.99 -21.66 15.24
N LYS B 135 -2.10 -22.81 15.91
CA LYS B 135 -2.06 -24.11 15.26
C LYS B 135 -0.78 -24.28 14.45
N PHE B 136 0.35 -23.97 15.07
CA PHE B 136 1.63 -24.30 14.45
C PHE B 136 1.70 -25.81 14.24
N PRO B 137 2.28 -26.27 13.14
CA PRO B 137 2.63 -27.69 13.06
C PRO B 137 3.56 -28.06 14.20
N ILE B 138 3.25 -29.17 14.86
CA ILE B 138 4.16 -29.73 15.86
C ILE B 138 5.55 -29.92 15.26
N GLU B 139 6.56 -29.64 16.05
CA GLU B 139 7.93 -29.93 15.70
C GLU B 139 8.52 -30.87 16.75
N ASP B 140 9.82 -31.11 16.66
CA ASP B 140 10.50 -31.97 17.62
C ASP B 140 10.85 -31.17 18.88
N ALA B 141 11.61 -31.78 19.78
CA ALA B 141 11.94 -31.15 21.06
C ALA B 141 12.75 -29.87 20.86
N SER B 142 13.64 -29.85 19.86
CA SER B 142 14.35 -28.63 19.53
C SER B 142 13.46 -27.70 18.71
N ASN B 143 13.78 -26.41 18.77
CA ASN B 143 12.97 -25.37 18.15
C ASN B 143 11.53 -25.44 18.64
N LYS B 144 11.39 -25.39 19.96
CA LYS B 144 10.12 -25.58 20.65
C LYS B 144 9.86 -24.35 21.52
N LEU B 145 8.80 -23.62 21.21
CA LEU B 145 8.51 -22.35 21.89
C LEU B 145 7.52 -22.58 23.01
N PRO B 146 7.90 -22.37 24.27
CA PRO B 146 6.95 -22.53 25.37
C PRO B 146 5.82 -21.51 25.28
N CYS B 147 4.64 -21.93 25.74
CA CYS B 147 3.43 -21.11 25.66
C CYS B 147 3.14 -20.50 27.03
N ASN B 148 3.01 -19.18 27.07
CA ASN B 148 2.73 -18.42 28.28
C ASN B 148 1.36 -17.74 28.21
N CYS B 149 0.36 -18.47 27.71
CA CYS B 149 -0.98 -17.92 27.57
C CYS B 149 -1.71 -17.84 28.91
N GLY B 150 -1.22 -18.51 29.95
CA GLY B 150 -1.87 -18.48 31.25
C GLY B 150 -3.14 -19.27 31.35
N ALA B 151 -3.48 -20.07 30.34
CA ALA B 151 -4.69 -20.85 30.39
C ALA B 151 -4.55 -22.01 31.36
N LYS B 152 -5.66 -22.35 32.02
CA LYS B 152 -5.65 -23.50 32.92
C LYS B 152 -5.35 -24.79 32.17
N LYS B 153 -5.61 -24.82 30.88
CA LYS B 153 -5.39 -26.03 30.08
C LYS B 153 -4.38 -25.81 28.97
N CYS B 154 -3.31 -25.09 29.33
CA CYS B 154 -2.29 -24.74 28.36
C CYS B 154 -1.53 -25.97 27.91
N ARG B 155 -1.19 -25.98 26.61
CA ARG B 155 -0.39 -27.06 26.03
C ARG B 155 1.08 -26.94 26.38
N LYS B 156 1.48 -25.84 27.03
CA LYS B 156 2.84 -25.59 27.53
C LYS B 156 3.79 -25.23 26.41
N PHE B 157 3.37 -25.35 25.16
CA PHE B 157 4.19 -24.97 24.01
C PHE B 157 3.31 -24.48 22.88
N LEU B 158 3.85 -23.57 22.08
CA LEU B 158 3.16 -23.12 20.88
C LEU B 158 3.12 -24.22 19.82
N ASN B 159 4.11 -25.12 19.84
CA ASN B 159 4.24 -26.16 18.83
C ASN B 159 4.71 -27.47 19.44
N PHE C 7 7.62 -2.88 10.41
CA PHE C 7 6.77 -3.18 9.26
C PHE C 7 5.98 -1.95 8.81
N LYS C 8 5.40 -2.02 7.62
CA LYS C 8 4.65 -0.93 7.03
C LYS C 8 3.15 -1.24 7.19
N GLU C 9 2.41 -0.34 7.83
CA GLU C 9 1.01 -0.61 8.12
C GLU C 9 0.17 -0.64 6.85
N LEU C 10 -0.83 -1.49 6.82
CA LEU C 10 -1.58 -1.77 5.62
C LEU C 10 -3.02 -2.06 5.91
N ASP C 11 -3.94 -1.81 5.03
CA ASP C 11 -5.32 -2.02 5.42
C ASP C 11 -6.04 -3.08 4.62
N GLU C 12 -5.81 -3.16 3.32
CA GLU C 12 -6.30 -4.29 2.55
C GLU C 12 -5.18 -5.19 2.13
N ASN C 13 -5.51 -6.41 1.83
CA ASN C 13 -4.57 -7.33 1.29
C ASN C 13 -4.07 -6.86 -0.05
N VAL C 14 -2.77 -6.94 -0.22
CA VAL C 14 -2.14 -6.86 -1.49
C VAL C 14 -1.62 -8.16 -2.03
N GLU C 15 -1.84 -8.40 -3.31
CA GLU C 15 -1.42 -9.64 -3.92
C GLU C 15 -0.03 -9.43 -4.54
N TYR C 16 0.93 -10.25 -4.13
CA TYR C 16 2.29 -10.11 -4.63
C TYR C 16 2.33 -10.42 -6.12
N GLU C 17 2.93 -9.51 -6.89
CA GLU C 17 3.12 -9.72 -8.32
C GLU C 17 4.57 -10.18 -8.53
N GLU C 18 4.73 -11.46 -8.84
CA GLU C 18 6.05 -12.02 -9.06
C GLU C 18 6.65 -11.47 -10.34
N ARG C 19 7.95 -11.20 -10.33
CA ARG C 19 8.63 -10.84 -11.56
C ARG C 19 9.02 -12.11 -12.31
N GLU C 20 9.44 -11.93 -13.57
CA GLU C 20 9.76 -13.07 -14.42
C GLU C 20 10.91 -13.89 -13.83
N SER C 21 11.89 -13.22 -13.25
CA SER C 21 13.07 -13.88 -12.71
C SER C 21 12.91 -14.28 -11.24
N GLU C 22 11.67 -14.47 -10.78
CA GLU C 22 11.42 -14.64 -9.35
C GLU C 22 12.19 -15.83 -8.78
N PHE C 23 12.28 -16.92 -9.53
CA PHE C 23 12.88 -18.15 -9.04
C PHE C 23 14.33 -18.32 -9.48
N ASP C 24 14.90 -17.34 -10.15
CA ASP C 24 16.23 -17.49 -10.73
C ASP C 24 17.32 -17.19 -9.71
N ILE C 25 18.50 -17.75 -9.94
CA ILE C 25 19.66 -17.50 -9.11
C ILE C 25 20.19 -16.10 -9.38
N ALA D 1 8.89 -22.44 6.90
CA ALA D 1 7.55 -22.95 6.65
C ALA D 1 6.76 -23.11 7.96
N ARG D 2 7.21 -22.42 9.00
CA ARG D 2 6.42 -22.33 10.24
C ARG D 2 5.42 -21.20 10.04
N THR D 3 4.30 -21.54 9.43
CA THR D 3 3.21 -20.59 9.25
C THR D 3 2.11 -20.93 10.23
N GLN D 5 -1.81 -21.55 11.18
CA GLN D 5 -2.75 -22.31 10.37
C GLN D 5 -4.20 -22.15 10.79
N THR D 6 -5.09 -22.37 9.82
CA THR D 6 -6.52 -22.35 10.08
C THR D 6 -7.02 -23.71 10.58
N ALA D 7 -6.38 -24.79 10.17
CA ALA D 7 -6.74 -26.13 10.61
C ALA D 7 -5.59 -27.08 10.33
N ARG D 8 -5.64 -28.25 10.95
CA ARG D 8 -4.63 -29.28 10.77
C ARG D 8 -4.88 -30.07 9.48
#